data_6I63
#
_entry.id   6I63
#
_cell.length_a   64.634
_cell.length_b   64.634
_cell.length_c   140.130
_cell.angle_alpha   90.00
_cell.angle_beta   90.00
_cell.angle_gamma   90.00
#
_symmetry.space_group_name_H-M   'P 41 21 2'
#
loop_
_entity.id
_entity.type
_entity.pdbx_description
1 polymer 'Estrogen-related receptor gamma'
2 non-polymer "4,4'-PROPANE-2,2-DIYLDIPHENOL"
3 water water
#
_entity_poly.entity_id   1
_entity_poly.type   'polypeptide(L)'
_entity_poly.pdbx_seq_one_letter_code
;LNPQLVQPAKKPYNKIVSHLLVAEPEKIYAMPDPTVPDSDIKALTTLCDLADRELVVIIGWAKHIPGFSTLSLADQMSLL
QSAWMEILILGVVYRSLSFEDELVYADDYIMDEDQSKLAGLLDLNNAILQLVKKYKSMKLEKEEFVTLKAIALANSDSMH
IEDVEAVQKLQDVLHEALQDYEAGQHMEDPRRAGKMLMTLPLLRQTSTKAVQHFYNIKLEGKVPMHKLFLEMLEAKV
;
_entity_poly.pdbx_strand_id   A
#
# COMPACT_ATOMS: atom_id res chain seq x y z
N TYR A 13 -2.18 5.20 -24.17
CA TYR A 13 -2.44 3.80 -23.85
C TYR A 13 -3.84 3.54 -23.28
N ASN A 14 -3.89 2.69 -22.24
CA ASN A 14 -5.14 2.22 -21.64
C ASN A 14 -5.83 3.28 -20.75
N LYS A 15 -7.16 3.36 -20.86
CA LYS A 15 -7.89 4.45 -20.22
C LYS A 15 -8.00 4.29 -18.70
N ILE A 16 -8.12 3.06 -18.22
CA ILE A 16 -8.21 2.83 -16.79
C ILE A 16 -6.90 3.29 -16.11
N VAL A 17 -5.79 3.08 -16.78
CA VAL A 17 -4.49 3.48 -16.26
C VAL A 17 -4.37 5.00 -16.16
N SER A 18 -4.78 5.70 -17.22
CA SER A 18 -4.71 7.16 -17.23
C SER A 18 -5.67 7.75 -16.20
N HIS A 19 -6.82 7.11 -16.03
CA HIS A 19 -7.75 7.53 -15.01
C HIS A 19 -7.17 7.33 -13.60
N LEU A 20 -6.46 6.22 -13.39
CA LEU A 20 -5.88 5.95 -12.07
C LEU A 20 -4.73 6.94 -11.79
N LEU A 21 -4.05 7.37 -12.84
CA LEU A 21 -3.02 8.38 -12.68
C LEU A 21 -3.62 9.71 -12.22
N VAL A 22 -4.73 10.16 -12.81
CA VAL A 22 -5.25 11.46 -12.40
C VAL A 22 -5.94 11.37 -11.05
N ALA A 23 -6.26 10.16 -10.61
CA ALA A 23 -6.92 10.01 -9.30
C ALA A 23 -5.92 9.84 -8.16
N GLU A 24 -4.63 9.78 -8.50
CA GLU A 24 -3.58 9.58 -7.51
C GLU A 24 -3.52 10.78 -6.55
N PRO A 25 -3.66 10.53 -5.24
CA PRO A 25 -3.74 11.63 -4.25
C PRO A 25 -2.43 12.41 -4.03
N GLU A 26 -2.58 13.59 -3.44
CA GLU A 26 -1.43 14.41 -3.05
C GLU A 26 -0.67 13.75 -1.90
N LYS A 27 0.65 13.93 -1.87
CA LYS A 27 1.46 13.49 -0.74
C LYS A 27 1.09 14.27 0.52
N ILE A 28 1.14 13.63 1.68
CA ILE A 28 0.94 14.36 2.92
C ILE A 28 2.21 14.32 3.76
N TYR A 29 2.27 15.17 4.79
CA TYR A 29 3.47 15.28 5.61
C TYR A 29 3.35 14.52 6.92
N ALA A 30 4.48 14.00 7.40
CA ALA A 30 4.49 13.32 8.70
C ALA A 30 4.41 14.35 9.84
N MET A 31 5.12 15.47 9.69
CA MET A 31 5.20 16.49 10.74
C MET A 31 5.53 15.92 12.13
N PRO A 32 6.71 15.29 12.27
CA PRO A 32 7.12 14.81 13.60
C PRO A 32 7.28 15.99 14.56
N ASP A 33 6.88 15.80 15.81
CA ASP A 33 6.89 16.88 16.79
C ASP A 33 8.33 17.29 17.12
N PRO A 34 8.70 18.53 16.78
CA PRO A 34 10.09 18.95 16.95
C PRO A 34 10.43 19.31 18.40
N THR A 35 9.44 19.31 19.29
CA THR A 35 9.73 19.59 20.69
C THR A 35 9.96 18.29 21.49
N VAL A 36 9.75 17.15 20.84
CA VAL A 36 9.83 15.86 21.52
C VAL A 36 11.15 15.17 21.20
N PRO A 37 11.84 14.64 22.22
CA PRO A 37 13.12 13.93 22.02
C PRO A 37 12.94 12.67 21.15
N ASP A 38 13.91 12.37 20.30
CA ASP A 38 13.82 11.18 19.47
C ASP A 38 13.84 9.92 20.33
N SER A 39 12.93 9.00 20.03
CA SER A 39 12.82 7.75 20.73
C SER A 39 12.04 6.78 19.85
N ASP A 40 11.94 5.53 20.28
CA ASP A 40 11.11 4.54 19.59
C ASP A 40 9.64 4.99 19.60
N ILE A 41 9.18 5.49 20.75
CA ILE A 41 7.82 5.97 20.97
C ILE A 41 7.46 7.15 20.05
N LYS A 42 8.43 8.03 19.79
CA LYS A 42 8.16 9.18 18.94
C LYS A 42 8.00 8.74 17.48
N ALA A 43 8.93 7.92 17.00
CA ALA A 43 8.87 7.39 15.64
C ALA A 43 7.58 6.62 15.39
N LEU A 44 7.22 5.75 16.32
CA LEU A 44 6.03 4.93 16.18
C LEU A 44 4.78 5.79 16.25
N THR A 45 4.79 6.83 17.07
CA THR A 45 3.65 7.71 17.20
C THR A 45 3.46 8.45 15.89
N THR A 46 4.59 8.90 15.33
CA THR A 46 4.61 9.62 14.07
C THR A 46 4.08 8.76 12.94
N LEU A 47 4.61 7.54 12.81
CA LEU A 47 4.21 6.61 11.75
C LEU A 47 2.73 6.27 11.82
N CYS A 48 2.24 5.98 13.02
CA CYS A 48 0.83 5.60 13.20
C CYS A 48 -0.11 6.76 12.92
N ASP A 49 0.36 7.95 13.24
CA ASP A 49 -0.38 9.17 12.99
C ASP A 49 -0.48 9.46 11.48
N LEU A 50 0.64 9.26 10.80
CA LEU A 50 0.71 9.39 9.35
C LEU A 50 -0.23 8.40 8.66
N ALA A 51 -0.23 7.15 9.12
CA ALA A 51 -1.04 6.10 8.53
C ALA A 51 -2.53 6.40 8.70
N ASP A 52 -2.88 6.91 9.87
CA ASP A 52 -4.27 7.26 10.17
C ASP A 52 -4.82 8.29 9.21
N ARG A 53 -4.00 9.30 8.91
CA ARG A 53 -4.39 10.32 7.97
C ARG A 53 -4.39 9.82 6.52
N GLU A 54 -3.46 8.92 6.20
CA GLU A 54 -3.42 8.34 4.85
C GLU A 54 -4.62 7.41 4.59
N LEU A 55 -5.10 6.74 5.62
CA LEU A 55 -6.27 5.90 5.48
C LEU A 55 -7.49 6.71 5.01
N VAL A 56 -7.62 7.93 5.51
CA VAL A 56 -8.70 8.83 5.08
C VAL A 56 -8.59 9.12 3.58
N VAL A 57 -7.37 9.41 3.14
CA VAL A 57 -7.07 9.65 1.74
C VAL A 57 -7.31 8.39 0.86
N ILE A 58 -7.04 7.20 1.41
CA ILE A 58 -7.20 5.95 0.67
C ILE A 58 -8.69 5.64 0.45
N ILE A 59 -9.49 5.94 1.45
CA ILE A 59 -10.93 5.77 1.34
C ILE A 59 -11.49 6.65 0.22
N GLY A 60 -11.01 7.89 0.15
CA GLY A 60 -11.42 8.80 -0.90
C GLY A 60 -10.95 8.36 -2.27
N TRP A 61 -9.74 7.81 -2.31
CA TRP A 61 -9.16 7.40 -3.58
C TRP A 61 -9.92 6.21 -4.20
N ALA A 62 -10.33 5.27 -3.35
CA ALA A 62 -10.98 4.06 -3.82
C ALA A 62 -12.24 4.35 -4.63
N LYS A 63 -12.94 5.43 -4.28
CA LYS A 63 -14.17 5.82 -4.96
C LYS A 63 -13.97 6.10 -6.44
N HIS A 64 -12.72 6.33 -6.84
CA HIS A 64 -12.42 6.60 -8.26
C HIS A 64 -12.13 5.37 -9.10
N ILE A 65 -12.00 4.22 -8.46
CA ILE A 65 -11.76 2.99 -9.20
C ILE A 65 -13.07 2.55 -9.84
N PRO A 66 -13.08 2.40 -11.17
CA PRO A 66 -14.28 2.00 -11.94
C PRO A 66 -14.94 0.76 -11.36
N GLY A 67 -16.20 0.89 -10.98
CA GLY A 67 -16.94 -0.22 -10.40
C GLY A 67 -16.97 -0.24 -8.88
N PHE A 68 -15.99 0.37 -8.25
CA PHE A 68 -15.88 0.24 -6.80
C PHE A 68 -17.07 0.83 -6.06
N SER A 69 -17.52 2.01 -6.48
CA SER A 69 -18.55 2.73 -5.73
C SER A 69 -19.95 2.16 -5.98
N THR A 70 -20.05 1.18 -6.89
CA THR A 70 -21.30 0.51 -7.19
C THR A 70 -21.45 -0.79 -6.37
N LEU A 71 -20.37 -1.22 -5.71
CA LEU A 71 -20.47 -2.32 -4.76
C LEU A 71 -21.28 -1.85 -3.57
N SER A 72 -21.79 -2.79 -2.79
CA SER A 72 -22.50 -2.40 -1.57
C SER A 72 -21.51 -1.76 -0.61
N LEU A 73 -22.01 -0.92 0.30
CA LEU A 73 -21.15 -0.26 1.27
C LEU A 73 -20.38 -1.29 2.11
N ALA A 74 -21.02 -2.42 2.38
CA ALA A 74 -20.39 -3.48 3.14
C ALA A 74 -19.22 -4.08 2.38
N ASP A 75 -19.43 -4.35 1.08
CA ASP A 75 -18.36 -4.94 0.28
C ASP A 75 -17.22 -3.94 0.07
N GLN A 76 -17.56 -2.65 -0.11
CA GLN A 76 -16.53 -1.61 -0.18
C GLN A 76 -15.69 -1.60 1.10
N MET A 77 -16.36 -1.65 2.25
CA MET A 77 -15.68 -1.62 3.53
C MET A 77 -14.81 -2.85 3.72
N SER A 78 -15.33 -4.01 3.31
CA SER A 78 -14.60 -5.27 3.42
C SER A 78 -13.30 -5.28 2.64
N LEU A 79 -13.34 -4.81 1.40
CA LEU A 79 -12.14 -4.69 0.57
C LEU A 79 -11.13 -3.77 1.25
N LEU A 80 -11.58 -2.59 1.71
CA LEU A 80 -10.68 -1.62 2.32
C LEU A 80 -10.08 -2.14 3.62
N GLN A 81 -10.90 -2.81 4.41
CA GLN A 81 -10.43 -3.40 5.66
C GLN A 81 -9.39 -4.50 5.46
N SER A 82 -9.46 -5.20 4.33
CA SER A 82 -8.51 -6.26 4.04
C SER A 82 -7.22 -5.73 3.43
N ALA A 83 -7.33 -4.71 2.59
CA ALA A 83 -6.25 -4.27 1.73
C ALA A 83 -5.42 -3.08 2.22
N TRP A 84 -5.90 -2.39 3.25
CA TRP A 84 -5.36 -1.07 3.60
C TRP A 84 -3.87 -1.09 3.85
N MET A 85 -3.39 -2.12 4.54
CA MET A 85 -1.98 -2.19 4.90
C MET A 85 -1.10 -2.39 3.65
N GLU A 86 -1.56 -3.23 2.71
CA GLU A 86 -0.85 -3.43 1.45
CA GLU A 86 -0.84 -3.42 1.47
C GLU A 86 -0.77 -2.13 0.66
N ILE A 87 -1.84 -1.34 0.71
CA ILE A 87 -1.88 -0.10 -0.04
C ILE A 87 -0.92 0.93 0.56
N LEU A 88 -0.86 1.00 1.89
CA LEU A 88 0.08 1.89 2.57
C LEU A 88 1.51 1.51 2.22
N ILE A 89 1.81 0.21 2.29
CA ILE A 89 3.18 -0.25 2.09
C ILE A 89 3.61 -0.05 0.63
N LEU A 90 2.70 -0.29 -0.31
CA LEU A 90 3.01 -0.07 -1.73
CA LEU A 90 2.99 -0.06 -1.73
C LEU A 90 3.38 1.41 -1.94
N GLY A 91 2.68 2.31 -1.26
CA GLY A 91 2.99 3.72 -1.27
C GLY A 91 4.40 4.04 -0.84
N VAL A 92 4.84 3.51 0.30
CA VAL A 92 6.18 3.84 0.76
CA VAL A 92 6.19 3.75 0.80
C VAL A 92 7.21 3.18 -0.16
N VAL A 93 6.90 2.00 -0.68
CA VAL A 93 7.79 1.37 -1.65
C VAL A 93 8.01 2.27 -2.87
N TYR A 94 6.93 2.79 -3.43
CA TYR A 94 7.03 3.62 -4.62
C TYR A 94 7.79 4.90 -4.35
N ARG A 95 7.53 5.53 -3.21
CA ARG A 95 8.25 6.75 -2.85
C ARG A 95 9.74 6.54 -2.63
N SER A 96 10.15 5.29 -2.45
CA SER A 96 11.52 5.01 -2.03
C SER A 96 12.40 4.51 -3.17
N LEU A 97 11.83 4.37 -4.35
CA LEU A 97 12.50 3.73 -5.48
C LEU A 97 13.83 4.37 -5.86
N SER A 98 13.92 5.69 -5.79
CA SER A 98 15.12 6.37 -6.25
C SER A 98 16.09 6.68 -5.09
N PHE A 99 15.81 6.09 -3.93
CA PHE A 99 16.69 6.20 -2.76
C PHE A 99 17.42 4.88 -2.56
N GLU A 100 18.44 4.88 -1.71
CA GLU A 100 19.18 3.66 -1.42
C GLU A 100 19.18 3.37 0.07
N ASP A 101 18.60 2.23 0.44
CA ASP A 101 18.50 1.77 1.83
C ASP A 101 17.78 2.76 2.74
N GLU A 102 16.96 3.61 2.14
CA GLU A 102 16.14 4.54 2.89
C GLU A 102 14.68 4.40 2.50
N LEU A 103 13.80 4.53 3.49
CA LEU A 103 12.38 4.41 3.26
C LEU A 103 11.70 5.78 3.42
N VAL A 104 11.09 6.27 2.34
CA VAL A 104 10.49 7.59 2.33
C VAL A 104 9.02 7.49 2.73
N TYR A 105 8.76 7.51 4.03
CA TYR A 105 7.38 7.52 4.52
C TYR A 105 6.71 8.83 4.16
N ALA A 106 7.48 9.91 4.18
CA ALA A 106 7.01 11.21 3.73
C ALA A 106 8.24 12.05 3.38
N ASP A 107 8.04 13.21 2.76
CA ASP A 107 9.18 14.07 2.39
C ASP A 107 9.93 14.55 3.63
N ASP A 108 9.19 14.69 4.73
CA ASP A 108 9.79 15.07 6.01
C ASP A 108 9.95 13.88 6.96
N TYR A 109 9.98 12.65 6.43
CA TYR A 109 10.22 11.50 7.29
C TYR A 109 10.79 10.26 6.54
N ILE A 110 12.11 10.28 6.39
CA ILE A 110 12.87 9.25 5.70
C ILE A 110 13.61 8.42 6.74
N MET A 111 13.37 7.10 6.78
CA MET A 111 14.04 6.24 7.76
C MET A 111 15.21 5.50 7.15
N ASP A 112 16.36 5.58 7.82
CA ASP A 112 17.49 4.76 7.43
C ASP A 112 17.60 3.62 8.42
N GLU A 113 18.60 2.77 8.22
CA GLU A 113 18.81 1.59 9.05
C GLU A 113 18.82 1.89 10.55
N ASP A 114 19.52 2.96 10.94
CA ASP A 114 19.66 3.30 12.35
C ASP A 114 18.32 3.66 13.00
N GLN A 115 17.52 4.46 12.33
CA GLN A 115 16.19 4.81 12.87
C GLN A 115 15.27 3.60 12.91
N SER A 116 15.41 2.70 11.94
CA SER A 116 14.63 1.46 11.93
C SER A 116 15.00 0.64 13.15
N LYS A 117 16.31 0.58 13.44
CA LYS A 117 16.84 -0.10 14.63
C LYS A 117 16.25 0.52 15.89
N LEU A 118 16.29 1.85 15.95
CA LEU A 118 15.77 2.60 17.10
C LEU A 118 14.28 2.32 17.36
N ALA A 119 13.51 2.26 16.29
CA ALA A 119 12.06 2.11 16.39
C ALA A 119 11.65 0.65 16.57
N GLY A 120 12.61 -0.25 16.43
CA GLY A 120 12.31 -1.67 16.55
C GLY A 120 11.63 -2.19 15.29
N LEU A 121 12.02 -1.62 14.15
CA LEU A 121 11.34 -1.89 12.89
C LEU A 121 12.29 -2.45 11.85
N LEU A 122 13.47 -2.85 12.29
CA LEU A 122 14.54 -3.28 11.39
C LEU A 122 14.12 -4.45 10.48
N ASP A 123 13.50 -5.47 11.05
CA ASP A 123 13.07 -6.63 10.28
C ASP A 123 11.94 -6.33 9.32
N LEU A 124 10.99 -5.52 9.78
CA LEU A 124 9.84 -5.16 8.97
C LEU A 124 10.30 -4.23 7.84
N ASN A 125 11.09 -3.21 8.18
CA ASN A 125 11.59 -2.29 7.18
C ASN A 125 12.57 -2.95 6.21
N ASN A 126 13.27 -3.98 6.66
CA ASN A 126 14.12 -4.73 5.75
C ASN A 126 13.30 -5.52 4.74
N ALA A 127 12.14 -6.01 5.16
CA ALA A 127 11.24 -6.69 4.23
C ALA A 127 10.68 -5.71 3.19
N ILE A 128 10.34 -4.51 3.63
CA ILE A 128 9.88 -3.47 2.71
C ILE A 128 10.98 -3.11 1.70
N LEU A 129 12.23 -3.02 2.17
CA LEU A 129 13.35 -2.75 1.26
C LEU A 129 13.57 -3.88 0.24
N GLN A 130 13.26 -5.11 0.62
CA GLN A 130 13.29 -6.22 -0.32
C GLN A 130 12.31 -5.98 -1.48
N LEU A 131 11.12 -5.47 -1.16
CA LEU A 131 10.16 -5.05 -2.18
C LEU A 131 10.70 -3.94 -3.06
N VAL A 132 11.30 -2.93 -2.43
CA VAL A 132 11.87 -1.83 -3.18
C VAL A 132 12.89 -2.34 -4.17
N LYS A 133 13.80 -3.19 -3.69
CA LYS A 133 14.86 -3.68 -4.56
C LYS A 133 14.29 -4.47 -5.74
N LYS A 134 13.23 -5.24 -5.50
CA LYS A 134 12.66 -6.00 -6.61
C LYS A 134 12.05 -5.08 -7.68
N TYR A 135 11.32 -4.05 -7.26
CA TYR A 135 10.75 -3.10 -8.22
C TYR A 135 11.80 -2.20 -8.88
N LYS A 136 12.91 -1.95 -8.18
CA LYS A 136 14.01 -1.21 -8.80
C LYS A 136 14.56 -1.98 -9.98
N SER A 137 14.80 -3.27 -9.78
CA SER A 137 15.41 -4.07 -10.81
C SER A 137 14.47 -4.24 -12.00
N MET A 138 13.17 -4.23 -11.75
CA MET A 138 12.20 -4.35 -12.84
C MET A 138 11.86 -2.99 -13.45
N LYS A 139 12.36 -1.92 -12.84
CA LYS A 139 12.10 -0.55 -13.27
C LYS A 139 10.60 -0.24 -13.28
N LEU A 140 9.96 -0.45 -12.13
CA LEU A 140 8.54 -0.14 -11.93
C LEU A 140 8.16 1.27 -12.39
N GLU A 141 7.18 1.37 -13.28
CA GLU A 141 6.68 2.67 -13.75
C GLU A 141 5.50 3.13 -12.90
N LYS A 142 5.24 4.44 -12.91
CA LYS A 142 4.13 4.96 -12.14
C LYS A 142 2.81 4.36 -12.63
N GLU A 143 2.71 4.14 -13.93
CA GLU A 143 1.52 3.53 -14.52
C GLU A 143 1.24 2.15 -13.93
N GLU A 144 2.31 1.39 -13.72
CA GLU A 144 2.23 0.04 -13.21
C GLU A 144 1.90 0.07 -11.73
N PHE A 145 2.55 0.98 -11.02
CA PHE A 145 2.30 1.23 -9.61
C PHE A 145 0.82 1.48 -9.28
N VAL A 146 0.18 2.42 -9.97
CA VAL A 146 -1.18 2.76 -9.59
C VAL A 146 -2.13 1.62 -9.95
N THR A 147 -1.78 0.84 -10.96
CA THR A 147 -2.61 -0.28 -11.36
C THR A 147 -2.50 -1.46 -10.37
N LEU A 148 -1.28 -1.73 -9.91
CA LEU A 148 -1.07 -2.77 -8.88
C LEU A 148 -1.77 -2.44 -7.56
N LYS A 149 -1.76 -1.16 -7.22
CA LYS A 149 -2.41 -0.65 -6.03
C LYS A 149 -3.90 -0.97 -6.09
N ALA A 150 -4.50 -0.69 -7.25
CA ALA A 150 -5.92 -1.02 -7.43
C ALA A 150 -6.18 -2.53 -7.40
N ILE A 151 -5.26 -3.30 -8.00
CA ILE A 151 -5.37 -4.77 -8.04
C ILE A 151 -5.23 -5.34 -6.62
N ALA A 152 -4.29 -4.80 -5.83
CA ALA A 152 -4.17 -5.20 -4.44
C ALA A 152 -5.47 -4.97 -3.66
N LEU A 153 -6.14 -3.84 -3.93
CA LEU A 153 -7.43 -3.59 -3.30
C LEU A 153 -8.46 -4.67 -3.67
N ALA A 154 -8.58 -4.95 -4.97
CA ALA A 154 -9.62 -5.86 -5.47
C ALA A 154 -9.33 -7.34 -5.15
N ASN A 155 -8.05 -7.68 -5.07
CA ASN A 155 -7.64 -9.07 -4.86
C ASN A 155 -7.29 -9.35 -3.38
N SER A 156 -7.91 -8.61 -2.46
CA SER A 156 -7.47 -8.64 -1.06
C SER A 156 -8.00 -9.82 -0.26
N ASP A 157 -8.83 -10.67 -0.87
CA ASP A 157 -9.21 -11.94 -0.23
C ASP A 157 -9.97 -11.81 1.10
N SER A 158 -10.82 -10.80 1.22
CA SER A 158 -11.70 -10.69 2.37
C SER A 158 -12.61 -11.91 2.45
N MET A 159 -12.80 -12.43 3.66
CA MET A 159 -13.71 -13.55 3.86
C MET A 159 -15.18 -13.12 3.82
N HIS A 160 -15.45 -11.84 3.99
CA HIS A 160 -16.82 -11.38 4.22
C HIS A 160 -17.46 -10.69 3.02
N ILE A 161 -17.14 -11.12 1.81
CA ILE A 161 -17.72 -10.52 0.60
C ILE A 161 -19.11 -11.08 0.28
N GLU A 162 -20.05 -10.20 -0.05
CA GLU A 162 -21.41 -10.60 -0.42
C GLU A 162 -21.53 -10.93 -1.90
N ASP A 163 -21.36 -9.91 -2.74
CA ASP A 163 -21.42 -10.08 -4.18
C ASP A 163 -20.06 -10.46 -4.77
N VAL A 164 -19.72 -11.73 -4.68
CA VAL A 164 -18.43 -12.23 -5.15
C VAL A 164 -18.23 -12.02 -6.66
N GLU A 165 -19.31 -12.21 -7.42
CA GLU A 165 -19.27 -12.00 -8.86
C GLU A 165 -18.84 -10.58 -9.21
N ALA A 166 -19.40 -9.60 -8.50
CA ALA A 166 -19.07 -8.19 -8.75
C ALA A 166 -17.60 -7.88 -8.42
N VAL A 167 -17.08 -8.49 -7.35
CA VAL A 167 -15.69 -8.31 -6.97
C VAL A 167 -14.76 -8.96 -7.99
N GLN A 168 -15.14 -10.15 -8.47
CA GLN A 168 -14.33 -10.83 -9.47
C GLN A 168 -14.32 -10.01 -10.76
N LYS A 169 -15.45 -9.40 -11.10
CA LYS A 169 -15.51 -8.54 -12.28
C LYS A 169 -14.57 -7.35 -12.11
N LEU A 170 -14.57 -6.78 -10.90
CA LEU A 170 -13.65 -5.71 -10.57
C LEU A 170 -12.19 -6.15 -10.78
N GLN A 171 -11.83 -7.32 -10.25
CA GLN A 171 -10.50 -7.89 -10.48
C GLN A 171 -10.16 -8.01 -11.94
N ASP A 172 -11.13 -8.47 -12.73
CA ASP A 172 -10.89 -8.77 -14.13
C ASP A 172 -10.66 -7.50 -14.96
N VAL A 173 -11.44 -6.47 -14.68
CA VAL A 173 -11.33 -5.16 -15.33
C VAL A 173 -9.94 -4.54 -15.11
N LEU A 174 -9.44 -4.65 -13.88
CA LEU A 174 -8.10 -4.12 -13.53
C LEU A 174 -6.96 -4.98 -14.09
N HIS A 175 -7.15 -6.29 -14.06
CA HIS A 175 -6.17 -7.22 -14.62
C HIS A 175 -6.06 -7.00 -16.13
N GLU A 176 -7.20 -6.79 -16.79
CA GLU A 176 -7.19 -6.50 -18.21
C GLU A 176 -6.41 -5.21 -18.51
N ALA A 177 -6.61 -4.18 -17.68
CA ALA A 177 -5.90 -2.92 -17.87
C ALA A 177 -4.38 -3.11 -17.82
N LEU A 178 -3.92 -3.88 -16.83
CA LEU A 178 -2.50 -4.18 -16.67
C LEU A 178 -1.95 -4.90 -17.90
N GLN A 179 -2.65 -5.97 -18.28
CA GLN A 179 -2.38 -6.73 -19.50
C GLN A 179 -2.32 -5.83 -20.74
N ASP A 180 -3.34 -4.99 -20.94
CA ASP A 180 -3.34 -4.08 -22.08
CA ASP A 180 -3.36 -4.05 -22.07
C ASP A 180 -2.18 -3.11 -22.04
N TYR A 181 -1.93 -2.50 -20.88
CA TYR A 181 -0.80 -1.58 -20.74
C TYR A 181 0.53 -2.26 -21.10
N GLU A 182 0.72 -3.48 -20.60
CA GLU A 182 1.99 -4.16 -20.79
C GLU A 182 2.16 -4.59 -22.24
N ALA A 183 1.07 -4.97 -22.88
CA ALA A 183 1.14 -5.39 -24.28
C ALA A 183 1.57 -4.23 -25.17
N GLY A 184 1.08 -3.02 -24.88
CA GLY A 184 1.41 -1.87 -25.71
C GLY A 184 2.71 -1.17 -25.37
N GLN A 185 3.11 -1.19 -24.10
CA GLN A 185 4.27 -0.43 -23.68
CA GLN A 185 4.27 -0.42 -23.64
C GLN A 185 5.51 -1.29 -23.46
N HIS A 186 5.32 -2.60 -23.30
CA HIS A 186 6.50 -3.45 -23.13
C HIS A 186 6.48 -4.69 -24.00
N MET A 187 6.46 -4.46 -25.30
CA MET A 187 6.49 -5.53 -26.29
C MET A 187 7.75 -6.39 -26.14
N GLU A 188 8.81 -5.80 -25.60
CA GLU A 188 10.06 -6.54 -25.44
C GLU A 188 9.97 -7.62 -24.36
N ASP A 189 8.94 -7.58 -23.53
CA ASP A 189 8.80 -8.60 -22.49
C ASP A 189 7.36 -9.03 -22.39
N PRO A 190 6.98 -10.07 -23.16
CA PRO A 190 5.60 -10.53 -23.19
C PRO A 190 5.13 -11.16 -21.87
N ARG A 191 6.02 -11.32 -20.90
CA ARG A 191 5.61 -11.82 -19.59
C ARG A 191 5.70 -10.76 -18.48
N ARG A 192 5.84 -9.49 -18.86
CA ARG A 192 5.96 -8.46 -17.84
C ARG A 192 4.73 -8.36 -16.93
N ALA A 193 3.52 -8.46 -17.47
CA ALA A 193 2.31 -8.41 -16.63
C ALA A 193 2.32 -9.49 -15.53
N GLY A 194 2.64 -10.72 -15.92
CA GLY A 194 2.71 -11.82 -14.99
C GLY A 194 3.81 -11.63 -13.96
N LYS A 195 4.94 -11.08 -14.38
CA LYS A 195 6.02 -10.75 -13.46
C LYS A 195 5.58 -9.74 -12.38
N MET A 196 4.79 -8.75 -12.79
CA MET A 196 4.25 -7.78 -11.86
C MET A 196 3.33 -8.46 -10.85
N LEU A 197 2.46 -9.33 -11.34
CA LEU A 197 1.52 -10.05 -10.46
C LEU A 197 2.27 -10.94 -9.46
N MET A 198 3.40 -11.51 -9.88
CA MET A 198 4.16 -12.40 -9.00
CA MET A 198 4.18 -12.39 -9.02
C MET A 198 4.93 -11.64 -7.91
N THR A 199 4.87 -10.30 -7.93
CA THR A 199 5.43 -9.53 -6.81
C THR A 199 4.43 -9.40 -5.69
N LEU A 200 3.15 -9.69 -5.96
CA LEU A 200 2.10 -9.52 -4.94
C LEU A 200 2.24 -10.43 -3.70
N PRO A 201 2.72 -11.69 -3.86
CA PRO A 201 2.85 -12.47 -2.62
C PRO A 201 3.80 -11.85 -1.60
N LEU A 202 4.92 -11.27 -2.03
CA LEU A 202 5.83 -10.62 -1.06
C LEU A 202 5.15 -9.41 -0.39
N LEU A 203 4.34 -8.65 -1.13
CA LEU A 203 3.58 -7.56 -0.54
C LEU A 203 2.59 -8.06 0.53
N ARG A 204 1.86 -9.13 0.22
CA ARG A 204 0.91 -9.72 1.15
C ARG A 204 1.60 -10.26 2.40
N GLN A 205 2.72 -10.95 2.21
CA GLN A 205 3.52 -11.46 3.32
C GLN A 205 3.97 -10.36 4.30
N THR A 206 4.53 -9.28 3.74
CA THR A 206 5.04 -8.17 4.52
C THR A 206 3.91 -7.47 5.25
N SER A 207 2.78 -7.33 4.57
CA SER A 207 1.62 -6.71 5.14
C SER A 207 1.04 -7.55 6.29
N THR A 208 1.06 -8.86 6.13
CA THR A 208 0.58 -9.77 7.17
C THR A 208 1.44 -9.62 8.43
N LYS A 209 2.75 -9.63 8.24
CA LYS A 209 3.67 -9.43 9.36
C LYS A 209 3.53 -8.04 10.00
N ALA A 210 3.32 -7.00 9.19
CA ALA A 210 3.17 -5.64 9.70
C ALA A 210 1.91 -5.47 10.53
N VAL A 211 0.83 -6.16 10.15
CA VAL A 211 -0.40 -6.08 10.92
C VAL A 211 -0.18 -6.71 12.30
N GLN A 212 0.50 -7.85 12.35
CA GLN A 212 0.79 -8.53 13.61
C GLN A 212 1.66 -7.64 14.51
N HIS A 213 2.71 -7.06 13.94
CA HIS A 213 3.60 -6.21 14.70
C HIS A 213 2.89 -5.02 15.36
N PHE A 214 2.08 -4.30 14.60
CA PHE A 214 1.49 -3.10 15.16
C PHE A 214 0.34 -3.44 16.05
N TYR A 215 -0.19 -4.65 15.92
CA TYR A 215 -1.24 -5.07 16.85
C TYR A 215 -0.65 -5.33 18.23
N ASN A 216 0.53 -5.92 18.27
CA ASN A 216 1.26 -6.10 19.52
C ASN A 216 1.53 -4.77 20.17
N ILE A 217 1.88 -3.78 19.36
CA ILE A 217 2.16 -2.45 19.86
C ILE A 217 0.88 -1.77 20.39
N LYS A 218 -0.27 -2.11 19.80
CA LYS A 218 -1.55 -1.66 20.32
C LYS A 218 -1.78 -2.23 21.71
N LEU A 219 -1.52 -3.52 21.86
CA LEU A 219 -1.75 -4.24 23.09
C LEU A 219 -0.85 -3.74 24.22
N GLU A 220 0.35 -3.30 23.86
CA GLU A 220 1.31 -2.82 24.85
C GLU A 220 0.92 -1.45 25.43
N GLY A 221 0.08 -0.71 24.71
CA GLY A 221 -0.52 0.51 25.21
C GLY A 221 0.33 1.76 25.43
N LYS A 222 1.61 1.72 25.05
CA LYS A 222 2.51 2.85 25.23
C LYS A 222 2.50 3.82 24.05
N VAL A 223 1.96 3.38 22.91
CA VAL A 223 1.88 4.25 21.73
C VAL A 223 0.44 4.69 21.48
N PRO A 224 0.18 6.00 21.53
CA PRO A 224 -1.16 6.51 21.20
C PRO A 224 -1.52 6.26 19.73
N MET A 225 -2.75 5.81 19.49
CA MET A 225 -3.24 5.52 18.14
C MET A 225 -4.64 6.07 17.94
N HIS A 226 -4.89 6.65 16.76
CA HIS A 226 -6.18 7.25 16.48
C HIS A 226 -7.24 6.22 16.08
N LYS A 227 -8.49 6.66 16.04
CA LYS A 227 -9.65 5.78 15.93
C LYS A 227 -9.66 4.93 14.65
N LEU A 228 -9.48 5.59 13.50
CA LEU A 228 -9.51 4.92 12.21
C LEU A 228 -8.46 3.81 12.09
N PHE A 229 -7.21 4.16 12.38
CA PHE A 229 -6.10 3.21 12.32
C PHE A 229 -6.38 2.02 13.23
N LEU A 230 -6.84 2.29 14.45
CA LEU A 230 -7.22 1.24 15.39
C LEU A 230 -8.34 0.35 14.88
N GLU A 231 -9.37 1.00 14.35
CA GLU A 231 -10.51 0.31 13.75
C GLU A 231 -10.07 -0.63 12.61
N MET A 232 -9.18 -0.12 11.75
CA MET A 232 -8.65 -0.88 10.62
C MET A 232 -7.71 -2.01 11.09
N LEU A 233 -6.94 -1.74 12.13
CA LEU A 233 -6.08 -2.77 12.70
C LEU A 233 -6.91 -3.87 13.33
N GLU A 234 -8.03 -3.51 13.94
CA GLU A 234 -8.92 -4.46 14.60
C GLU A 234 -9.53 -5.44 13.59
N ALA A 235 -10.01 -4.90 12.48
CA ALA A 235 -10.66 -5.69 11.45
C ALA A 235 -9.72 -6.67 10.72
N LYS A 236 -8.41 -6.52 10.85
CA LYS A 236 -7.48 -7.37 10.09
C LYS A 236 -6.80 -8.45 10.93
N VAL A 237 -6.76 -8.30 12.24
CA VAL A 237 -6.01 -9.22 13.09
C VAL A 237 -6.77 -10.54 13.27
#